data_5PAD
#
_entry.id   5PAD
#
_cell.length_a   45.000
_cell.length_b   104.300
_cell.length_c   50.800
_cell.angle_alpha   90.00
_cell.angle_beta   90.00
_cell.angle_gamma   90.00
#
_symmetry.space_group_name_H-M   'P 21 21 21'
#
loop_
_entity.id
_entity.type
_entity.pdbx_description
1 polymer PAPAIN
2 polymer 'PHQ-GLY-PHE-GLY-CHLOROMETHYLKETONE INHIBITOR'
3 water water
#
loop_
_entity_poly.entity_id
_entity_poly.type
_entity_poly.pdbx_seq_one_letter_code
_entity_poly.pdbx_strand_id
1 'polypeptide(L)'
;IPEYVDWRQKGAVTPVKNQGSCGSCWAFSAVVTIEGIIKIRTGNLNQYSEQELLDCDRRSYGCNGGYPWSALQLVAQYGI
HYRNTYPYEGVQRYCRSREKGPYAAKTDGVRQVQPYNQGALLYSIANQPVSVVLQAAGKDFQLYRGGIFVGPCGNKVDHA
VAAVGYGPNYILIKNSWGTGWGENGYIRIKRGTGNSYGVCGLYTSSFYPVKN
;
A
2 'polypeptide(L)' (PHQ)GFG(0QE) I
#
loop_
_chem_comp.id
_chem_comp.type
_chem_comp.name
_chem_comp.formula
0QE non-polymer chloromethane 'C H3 Cl'
PHQ non-polymer 'benzyl chlorocarbonate' 'C8 H7 Cl O2'
#
# COMPACT_ATOMS: atom_id res chain seq x y z
N ILE A 1 22.71 -2.29 0.63
CA ILE A 1 21.38 -2.19 1.27
C ILE A 1 21.77 -0.83 1.85
N PRO A 2 21.46 0.20 1.06
CA PRO A 2 21.74 1.60 1.42
C PRO A 2 21.28 1.84 2.87
N GLU A 3 21.77 2.94 3.41
CA GLU A 3 21.46 3.38 4.77
C GLU A 3 20.14 4.17 4.69
N TYR A 4 19.84 4.57 3.47
CA TYR A 4 18.62 5.34 3.16
C TYR A 4 17.95 4.80 1.90
N VAL A 5 16.64 4.64 2.01
CA VAL A 5 15.79 4.15 0.91
C VAL A 5 14.50 4.94 0.69
N ASP A 6 14.56 5.81 -0.30
CA ASP A 6 13.44 6.66 -0.70
C ASP A 6 13.20 6.37 -2.18
N TRP A 7 11.98 5.96 -2.47
CA TRP A 7 11.54 5.63 -3.83
C TRP A 7 10.86 6.83 -4.51
N ARG A 8 10.56 7.82 -3.69
CA ARG A 8 9.93 9.07 -4.14
C ARG A 8 10.87 9.73 -5.14
N GLN A 9 12.05 10.06 -4.63
CA GLN A 9 13.11 10.70 -5.42
C GLN A 9 13.75 9.69 -6.37
N LYS A 10 13.10 8.53 -6.44
CA LYS A 10 13.52 7.43 -7.30
C LYS A 10 12.60 7.32 -8.53
N GLY A 11 11.52 8.08 -8.45
CA GLY A 11 10.51 8.13 -9.51
C GLY A 11 9.69 6.84 -9.58
N ALA A 12 9.29 6.40 -8.40
CA ALA A 12 8.49 5.18 -8.23
C ALA A 12 7.05 5.32 -7.71
N VAL A 13 6.86 6.36 -6.93
CA VAL A 13 5.56 6.70 -6.34
C VAL A 13 5.09 8.02 -6.94
N THR A 14 3.78 8.09 -7.16
CA THR A 14 3.12 9.27 -7.72
C THR A 14 2.51 10.02 -6.54
N PRO A 15 1.88 11.13 -6.88
CA PRO A 15 1.20 12.00 -5.90
C PRO A 15 0.35 11.13 -4.96
N VAL A 16 -0.06 11.75 -3.87
CA VAL A 16 -0.89 11.12 -2.85
C VAL A 16 -2.38 11.21 -3.19
N LYS A 17 -3.13 10.28 -2.64
CA LYS A 17 -4.58 10.19 -2.83
C LYS A 17 -5.35 9.86 -1.56
N ASN A 18 -6.66 9.95 -1.67
CA ASN A 18 -7.59 9.66 -0.57
C ASN A 18 -8.68 8.69 -1.02
N GLN A 19 -8.94 7.73 -0.13
CA GLN A 19 -9.98 6.70 -0.35
C GLN A 19 -11.35 7.32 -0.08
N GLY A 20 -11.31 8.36 0.75
CA GLY A 20 -12.51 9.11 1.14
C GLY A 20 -13.28 8.27 2.16
N SER A 21 -14.58 8.48 2.17
CA SER A 21 -15.51 7.77 3.06
C SER A 21 -15.74 6.34 2.57
N CYS A 22 -14.69 5.79 1.98
CA CYS A 22 -14.68 4.43 1.45
C CYS A 22 -13.57 3.64 2.15
N GLY A 23 -13.99 2.56 2.78
CA GLY A 23 -13.10 1.66 3.52
C GLY A 23 -12.50 0.78 2.42
N SER A 24 -11.53 1.36 1.74
CA SER A 24 -10.80 0.70 0.65
C SER A 24 -9.29 0.81 0.50
N CYS A 25 -8.61 1.18 1.68
CA CYS A 25 -7.23 0.97 2.27
C CYS A 25 -6.47 0.08 1.16
N TRP A 26 -7.02 -1.09 1.09
CA TRP A 26 -6.40 -2.33 0.59
C TRP A 26 -6.06 -2.26 -0.90
N ALA A 27 -7.01 -1.75 -1.65
CA ALA A 27 -6.89 -1.59 -3.11
C ALA A 27 -5.92 -0.48 -3.52
N PHE A 28 -5.82 0.51 -2.64
CA PHE A 28 -4.94 1.67 -2.83
C PHE A 28 -3.50 1.27 -2.54
N SER A 29 -3.34 0.53 -1.45
CA SER A 29 -2.04 0.02 -1.00
C SER A 29 -1.43 -0.80 -2.14
N ALA A 30 -2.29 -1.62 -2.73
CA ALA A 30 -1.91 -2.50 -3.85
C ALA A 30 -1.42 -1.80 -5.12
N VAL A 31 -2.25 -0.89 -5.58
CA VAL A 31 -1.98 -0.09 -6.79
C VAL A 31 -0.60 0.56 -6.75
N VAL A 32 -0.18 0.86 -5.51
CA VAL A 32 1.12 1.47 -5.24
C VAL A 32 2.22 0.41 -5.30
N THR A 33 1.87 -0.77 -4.82
CA THR A 33 2.76 -1.94 -4.80
C THR A 33 3.12 -2.31 -6.25
N ILE A 34 2.10 -2.79 -6.94
CA ILE A 34 2.21 -3.20 -8.34
C ILE A 34 2.92 -2.06 -9.09
N GLU A 35 2.36 -0.88 -8.92
CA GLU A 35 2.88 0.35 -9.53
C GLU A 35 4.40 0.44 -9.47
N GLY A 36 4.90 0.44 -8.25
CA GLY A 36 6.34 0.50 -7.97
C GLY A 36 7.18 -0.43 -8.84
N ILE A 37 6.86 -1.71 -8.72
CA ILE A 37 7.53 -2.78 -9.46
C ILE A 37 7.46 -2.55 -10.97
N ILE A 38 6.27 -2.13 -11.40
CA ILE A 38 5.99 -1.83 -12.81
C ILE A 38 6.92 -0.78 -13.42
N LYS A 39 7.37 0.11 -12.56
CA LYS A 39 8.29 1.20 -12.93
C LYS A 39 9.77 0.87 -12.71
N ILE A 40 9.98 -0.11 -11.85
CA ILE A 40 11.32 -0.59 -11.50
C ILE A 40 12.16 -1.31 -12.56
N ARG A 41 11.44 -1.88 -13.52
CA ARG A 41 12.03 -2.60 -14.64
C ARG A 41 11.86 -1.91 -16.00
N THR A 42 10.60 -1.67 -16.32
CA THR A 42 10.21 -0.99 -17.57
C THR A 42 10.69 0.46 -17.71
N GLY A 43 10.70 1.14 -16.58
CA GLY A 43 11.15 2.53 -16.49
C GLY A 43 9.98 3.43 -16.91
N ASN A 44 8.79 2.97 -16.57
CA ASN A 44 7.54 3.69 -16.86
C ASN A 44 6.64 3.75 -15.63
N LEU A 45 6.54 4.95 -15.08
CA LEU A 45 5.73 5.23 -13.90
C LEU A 45 4.27 5.41 -14.30
N ASN A 46 3.41 4.67 -13.60
CA ASN A 46 1.96 4.70 -13.81
C ASN A 46 1.01 4.72 -12.62
N GLN A 47 -0.15 5.30 -12.87
CA GLN A 47 -1.23 5.42 -11.87
C GLN A 47 -2.36 4.50 -12.35
N TYR A 48 -2.50 3.40 -11.63
CA TYR A 48 -3.53 2.40 -11.91
C TYR A 48 -4.75 2.64 -11.01
N SER A 49 -5.87 2.12 -11.48
CA SER A 49 -7.17 2.24 -10.78
C SER A 49 -7.38 1.27 -9.61
N GLU A 50 -7.78 1.86 -8.50
CA GLU A 50 -8.06 1.12 -7.26
C GLU A 50 -9.56 0.84 -7.28
N GLN A 51 -10.28 1.76 -7.90
CA GLN A 51 -11.73 1.69 -8.05
C GLN A 51 -12.09 0.33 -8.67
N GLU A 52 -11.33 -0.01 -9.68
CA GLU A 52 -11.49 -1.29 -10.42
C GLU A 52 -11.36 -2.47 -9.47
N LEU A 53 -10.30 -2.40 -8.66
CA LEU A 53 -10.00 -3.43 -7.66
C LEU A 53 -11.16 -3.64 -6.69
N LEU A 54 -11.85 -2.54 -6.44
CA LEU A 54 -13.02 -2.50 -5.55
C LEU A 54 -14.23 -3.22 -6.15
N ASP A 55 -14.59 -2.77 -7.34
CA ASP A 55 -15.72 -3.32 -8.10
C ASP A 55 -15.56 -4.74 -8.65
N CYS A 56 -14.31 -5.13 -8.81
CA CYS A 56 -13.93 -6.46 -9.31
C CYS A 56 -13.68 -7.55 -8.27
N ASP A 57 -13.00 -7.16 -7.21
CA ASP A 57 -12.66 -8.04 -6.10
C ASP A 57 -13.89 -8.22 -5.21
N ARG A 58 -14.52 -9.37 -5.38
CA ARG A 58 -15.72 -9.75 -4.61
C ARG A 58 -15.28 -10.53 -3.38
N ARG A 59 -14.03 -10.96 -3.43
CA ARG A 59 -13.40 -11.72 -2.34
C ARG A 59 -13.17 -10.74 -1.19
N SER A 60 -12.97 -9.49 -1.57
CA SER A 60 -12.73 -8.39 -0.62
C SER A 60 -14.16 -7.84 -0.51
N TYR A 61 -14.33 -6.99 0.50
CA TYR A 61 -15.61 -6.33 0.79
C TYR A 61 -15.55 -4.84 0.49
N GLY A 62 -15.08 -4.54 -0.70
CA GLY A 62 -14.94 -3.16 -1.20
C GLY A 62 -14.87 -1.97 -0.25
N CYS A 63 -15.89 -1.12 -0.37
CA CYS A 63 -16.02 0.09 0.45
C CYS A 63 -16.25 -0.24 1.93
N ASN A 64 -15.29 -0.98 2.47
CA ASN A 64 -15.28 -1.40 3.87
C ASN A 64 -14.83 -2.82 4.17
N GLY A 65 -13.54 -3.05 3.92
CA GLY A 65 -12.90 -4.35 4.14
C GLY A 65 -12.30 -4.91 2.85
N GLY A 66 -11.16 -5.55 3.02
CA GLY A 66 -10.41 -6.18 1.92
C GLY A 66 -9.07 -6.80 2.31
N TYR A 67 -8.43 -7.35 1.29
CA TYR A 67 -7.11 -8.00 1.43
C TYR A 67 -6.14 -7.52 0.34
N PRO A 68 -5.24 -6.64 0.76
CA PRO A 68 -4.21 -6.07 -0.12
C PRO A 68 -3.56 -7.20 -0.91
N TRP A 69 -3.69 -8.40 -0.37
CA TRP A 69 -3.15 -9.62 -0.98
C TRP A 69 -4.22 -10.33 -1.80
N SER A 70 -5.45 -10.05 -1.62
CA SER A 70 -6.33 -10.36 -3.03
C SER A 70 -6.09 -9.53 -4.28
N ALA A 71 -6.12 -8.21 -4.07
CA ALA A 71 -5.89 -7.22 -5.14
C ALA A 71 -4.75 -7.61 -6.08
N LEU A 72 -3.57 -7.70 -5.48
CA LEU A 72 -2.34 -8.05 -6.20
C LEU A 72 -2.54 -9.36 -6.99
N GLN A 73 -2.90 -10.38 -6.25
CA GLN A 73 -3.16 -11.72 -6.81
C GLN A 73 -4.05 -11.54 -8.03
N LEU A 74 -5.12 -10.79 -7.82
CA LEU A 74 -6.11 -10.48 -8.86
C LEU A 74 -5.41 -10.02 -10.13
N VAL A 75 -4.70 -8.91 -9.99
CA VAL A 75 -3.93 -8.30 -11.08
C VAL A 75 -3.11 -9.32 -11.86
N ALA A 76 -2.22 -9.98 -11.13
CA ALA A 76 -1.33 -11.02 -11.68
C ALA A 76 -2.14 -12.01 -12.52
N GLN A 77 -3.26 -12.42 -11.95
CA GLN A 77 -4.20 -13.36 -12.58
C GLN A 77 -4.83 -12.77 -13.84
N TYR A 78 -5.47 -11.63 -13.63
CA TYR A 78 -6.15 -10.89 -14.70
C TYR A 78 -5.29 -9.72 -15.18
N GLY A 79 -5.39 -8.64 -14.43
CA GLY A 79 -4.62 -7.40 -14.71
C GLY A 79 -5.22 -6.23 -13.93
N ILE A 80 -4.92 -5.04 -14.43
CA ILE A 80 -5.40 -3.77 -13.86
C ILE A 80 -5.21 -2.63 -14.85
N HIS A 81 -6.19 -1.74 -14.85
CA HIS A 81 -6.22 -0.56 -15.71
C HIS A 81 -5.59 0.70 -15.09
N TYR A 82 -5.51 1.73 -15.91
CA TYR A 82 -4.97 3.03 -15.53
C TYR A 82 -6.04 3.60 -14.59
N ARG A 83 -5.67 4.70 -13.96
CA ARG A 83 -6.55 5.42 -13.01
C ARG A 83 -7.23 6.55 -13.79
N ASN A 84 -7.21 6.40 -15.10
CA ASN A 84 -7.82 7.36 -16.03
C ASN A 84 -8.97 6.63 -16.73
N THR A 85 -8.68 5.39 -17.07
CA THR A 85 -9.64 4.50 -17.74
C THR A 85 -10.41 3.73 -16.67
N TYR A 86 -10.25 4.20 -15.44
CA TYR A 86 -10.90 3.62 -14.27
C TYR A 86 -10.65 4.39 -12.97
N PRO A 87 -10.73 5.70 -13.10
CA PRO A 87 -10.53 6.64 -11.99
C PRO A 87 -11.33 6.15 -10.77
N TYR A 88 -10.90 6.62 -9.62
CA TYR A 88 -11.52 6.30 -8.33
C TYR A 88 -12.72 7.24 -8.14
N GLU A 89 -13.79 6.65 -7.63
CA GLU A 89 -15.04 7.38 -7.36
C GLU A 89 -15.33 7.34 -5.86
N GLY A 90 -15.05 6.19 -5.28
CA GLY A 90 -15.24 5.94 -3.85
C GLY A 90 -16.31 4.95 -3.40
N VAL A 91 -17.08 4.51 -4.38
CA VAL A 91 -18.17 3.54 -4.17
C VAL A 91 -17.98 2.29 -5.03
N GLN A 92 -18.09 1.16 -4.35
CA GLN A 92 -17.96 -0.17 -4.98
C GLN A 92 -19.14 -0.33 -5.93
N ARG A 93 -18.84 -0.95 -7.05
CA ARG A 93 -19.84 -1.23 -8.11
C ARG A 93 -19.49 -2.42 -9.00
N TYR A 94 -20.19 -2.47 -10.12
CA TYR A 94 -20.02 -3.53 -11.13
C TYR A 94 -18.63 -3.45 -11.76
N CYS A 95 -18.04 -4.63 -11.93
CA CYS A 95 -16.71 -4.79 -12.53
C CYS A 95 -16.84 -4.23 -13.95
N ARG A 96 -15.89 -3.38 -14.29
CA ARG A 96 -15.82 -2.74 -15.60
C ARG A 96 -14.61 -3.24 -16.39
N SER A 97 -13.75 -3.94 -15.66
CA SER A 97 -12.53 -4.54 -16.22
C SER A 97 -12.78 -4.91 -17.68
N ARG A 98 -13.52 -6.00 -17.85
CA ARG A 98 -13.89 -6.52 -19.17
C ARG A 98 -14.48 -5.49 -20.14
N GLU A 99 -15.48 -4.79 -19.63
CA GLU A 99 -16.18 -3.74 -20.38
C GLU A 99 -15.24 -2.60 -20.78
N LYS A 100 -14.29 -2.34 -19.90
CA LYS A 100 -13.28 -1.29 -20.09
C LYS A 100 -12.38 -1.58 -21.29
N GLY A 101 -12.19 -2.87 -21.52
CA GLY A 101 -11.37 -3.37 -22.63
C GLY A 101 -10.04 -3.97 -22.16
N PRO A 102 -9.11 -4.04 -23.11
CA PRO A 102 -7.77 -4.57 -22.88
C PRO A 102 -7.20 -3.96 -21.60
N TYR A 103 -6.46 -4.79 -20.88
CA TYR A 103 -5.81 -4.41 -19.62
C TYR A 103 -4.61 -3.58 -20.09
N ALA A 104 -4.01 -2.91 -19.12
CA ALA A 104 -2.83 -2.07 -19.33
C ALA A 104 -1.60 -2.52 -18.55
N ALA A 105 -1.89 -3.05 -17.36
CA ALA A 105 -0.87 -3.57 -16.45
C ALA A 105 -1.32 -4.93 -15.94
N LYS A 106 -0.34 -5.82 -15.85
CA LYS A 106 -0.56 -7.20 -15.38
C LYS A 106 0.79 -7.78 -14.93
N THR A 107 0.84 -8.10 -13.64
CA THR A 107 2.03 -8.69 -13.01
C THR A 107 2.22 -10.16 -13.37
N ASP A 108 3.24 -10.74 -12.74
CA ASP A 108 3.59 -12.14 -12.92
C ASP A 108 3.75 -12.98 -11.65
N GLY A 109 2.95 -12.63 -10.67
CA GLY A 109 2.93 -13.30 -9.35
C GLY A 109 2.91 -12.39 -8.13
N VAL A 110 2.62 -13.02 -6.99
CA VAL A 110 2.56 -12.34 -5.70
C VAL A 110 3.22 -13.21 -4.63
N ARG A 111 3.99 -12.55 -3.79
CA ARG A 111 4.71 -13.19 -2.68
C ARG A 111 4.55 -12.31 -1.44
N GLN A 112 4.61 -12.98 -0.29
CA GLN A 112 4.50 -12.34 1.02
C GLN A 112 5.82 -12.39 1.78
N VAL A 113 6.05 -11.35 2.56
CA VAL A 113 7.25 -11.21 3.38
C VAL A 113 6.94 -11.84 4.74
N GLN A 114 7.91 -12.59 5.23
CA GLN A 114 7.83 -13.28 6.52
C GLN A 114 7.47 -12.27 7.61
N PRO A 115 6.24 -12.39 8.09
CA PRO A 115 5.71 -11.53 9.14
C PRO A 115 6.74 -11.42 10.28
N TYR A 116 6.52 -10.39 11.10
CA TYR A 116 7.38 -10.10 12.25
C TYR A 116 8.90 -10.22 12.12
N ASN A 117 9.42 -9.43 11.19
CA ASN A 117 10.86 -9.37 10.91
C ASN A 117 11.11 -8.09 10.11
N GLN A 118 11.65 -7.11 10.81
CA GLN A 118 11.99 -5.81 10.23
C GLN A 118 13.05 -6.01 9.15
N GLY A 119 14.08 -6.73 9.54
CA GLY A 119 15.20 -7.05 8.65
C GLY A 119 14.69 -7.49 7.27
N ALA A 120 13.64 -8.29 7.33
CA ALA A 120 12.98 -8.82 6.13
C ALA A 120 12.13 -7.82 5.35
N LEU A 121 11.43 -6.99 6.10
CA LEU A 121 10.57 -5.94 5.55
C LEU A 121 11.41 -5.01 4.68
N LEU A 122 12.44 -4.47 5.30
CA LEU A 122 13.38 -3.55 4.66
C LEU A 122 13.91 -4.05 3.30
N TYR A 123 14.54 -5.21 3.36
CA TYR A 123 15.11 -5.87 2.19
C TYR A 123 14.19 -5.75 0.98
N SER A 124 12.98 -6.26 1.16
CA SER A 124 11.94 -6.25 0.13
C SER A 124 11.56 -4.82 -0.28
N ILE A 125 11.52 -3.96 0.73
CA ILE A 125 11.20 -2.54 0.56
C ILE A 125 12.37 -1.86 -0.15
N ALA A 126 13.49 -2.57 -0.14
CA ALA A 126 14.73 -2.10 -0.77
C ALA A 126 14.77 -2.51 -2.26
N ASN A 127 14.17 -3.66 -2.52
CA ASN A 127 14.09 -4.22 -3.87
C ASN A 127 12.84 -3.73 -4.60
N GLN A 128 11.92 -3.24 -3.79
CA GLN A 128 10.64 -2.69 -4.28
C GLN A 128 9.67 -2.51 -3.12
N PRO A 129 8.91 -1.43 -3.21
CA PRO A 129 7.89 -1.07 -2.20
C PRO A 129 7.06 -2.31 -1.88
N VAL A 130 6.31 -2.18 -0.80
CA VAL A 130 5.41 -3.24 -0.30
C VAL A 130 4.17 -2.71 0.41
N SER A 131 3.16 -3.56 0.41
CA SER A 131 1.86 -3.26 1.05
C SER A 131 1.99 -3.84 2.46
N VAL A 132 1.75 -2.97 3.43
CA VAL A 132 1.80 -3.32 4.85
C VAL A 132 0.58 -2.80 5.60
N VAL A 133 0.25 -3.51 6.67
CA VAL A 133 -0.88 -3.18 7.55
C VAL A 133 -0.41 -2.61 8.88
N LEU A 134 -1.40 -2.28 9.70
CA LEU A 134 -1.17 -1.73 11.05
C LEU A 134 -2.43 -1.20 11.73
N GLN A 135 -2.21 -0.68 12.94
CA GLN A 135 -3.27 -0.10 13.76
C GLN A 135 -3.40 1.40 13.46
N ALA A 136 -4.55 1.73 12.89
CA ALA A 136 -4.89 3.11 12.52
C ALA A 136 -6.09 3.61 13.32
N ALA A 137 -6.92 2.65 13.70
CA ALA A 137 -8.14 2.89 14.49
C ALA A 137 -7.58 3.80 15.59
N GLY A 138 -6.26 3.95 15.53
CA GLY A 138 -5.51 4.79 16.48
C GLY A 138 -6.17 6.16 16.56
N LYS A 139 -6.03 6.77 17.73
CA LYS A 139 -6.58 8.09 18.02
C LYS A 139 -5.42 9.10 17.99
N ASP A 140 -4.23 8.54 17.86
CA ASP A 140 -2.98 9.32 17.80
C ASP A 140 -2.46 9.38 16.36
N PHE A 141 -2.46 8.21 15.73
CA PHE A 141 -2.02 8.04 14.34
C PHE A 141 -3.01 8.81 13.46
N GLN A 142 -4.20 8.98 14.01
CA GLN A 142 -5.29 9.69 13.34
C GLN A 142 -5.06 11.20 13.32
N LEU A 143 -4.37 11.65 14.37
CA LEU A 143 -4.02 13.06 14.55
C LEU A 143 -2.65 13.53 14.06
N TYR A 144 -1.81 12.54 13.79
CA TYR A 144 -0.44 12.77 13.29
C TYR A 144 -0.47 13.81 12.17
N ARG A 145 0.21 14.92 12.45
CA ARG A 145 0.33 16.04 11.51
C ARG A 145 1.82 16.32 11.38
N GLY A 146 2.57 15.23 11.30
CA GLY A 146 4.04 15.26 11.16
C GLY A 146 4.78 14.83 12.42
N GLY A 147 5.76 13.97 12.20
CA GLY A 147 6.62 13.43 13.27
C GLY A 147 7.01 11.97 13.11
N ILE A 148 7.58 11.45 14.19
CA ILE A 148 8.02 10.05 14.27
C ILE A 148 7.12 9.39 15.32
N PHE A 149 6.16 8.63 14.82
CA PHE A 149 5.20 7.91 15.65
C PHE A 149 5.83 6.73 16.39
N VAL A 150 5.65 6.76 17.71
CA VAL A 150 6.16 5.73 18.62
C VAL A 150 4.94 5.16 19.36
N GLY A 151 3.92 6.00 19.44
CA GLY A 151 2.65 5.65 20.09
C GLY A 151 1.99 6.90 20.68
N PRO A 152 1.29 6.57 21.65
CA PRO A 152 1.00 5.10 21.83
C PRO A 152 0.07 4.54 20.75
N CYS A 153 0.08 3.23 20.64
CA CYS A 153 -0.73 2.48 19.67
C CYS A 153 -0.72 1.01 20.09
N GLY A 154 -1.55 0.24 19.41
CA GLY A 154 -1.69 -1.21 19.64
C GLY A 154 -1.28 -2.27 18.63
N ASN A 155 -1.69 -3.50 18.92
CA ASN A 155 -1.42 -4.67 18.07
C ASN A 155 -2.65 -5.22 17.34
N LYS A 156 -3.67 -4.37 17.27
CA LYS A 156 -4.94 -4.70 16.60
C LYS A 156 -4.92 -4.11 15.19
N VAL A 157 -4.25 -4.83 14.31
CA VAL A 157 -4.11 -4.45 12.89
C VAL A 157 -5.49 -4.38 12.23
N ASP A 158 -5.66 -3.34 11.43
CA ASP A 158 -6.90 -3.09 10.68
C ASP A 158 -7.02 -2.02 9.59
N HIS A 159 -5.85 -1.57 9.14
CA HIS A 159 -5.74 -0.55 8.08
C HIS A 159 -4.46 -0.90 7.31
N ALA A 160 -4.58 -0.80 6.00
CA ALA A 160 -3.48 -1.08 5.06
C ALA A 160 -2.98 0.22 4.42
N VAL A 161 -1.66 0.30 4.32
CA VAL A 161 -0.97 1.45 3.73
C VAL A 161 0.21 0.89 2.95
N ALA A 162 1.18 1.77 2.72
CA ALA A 162 2.42 1.44 1.99
C ALA A 162 3.72 2.08 2.48
N ALA A 163 4.77 1.26 2.43
CA ALA A 163 6.12 1.67 2.84
C ALA A 163 6.85 2.04 1.54
N VAL A 164 7.38 3.25 1.54
CA VAL A 164 8.13 3.81 0.40
C VAL A 164 9.46 4.41 0.84
N GLY A 165 10.10 3.70 1.76
CA GLY A 165 11.41 4.09 2.31
C GLY A 165 11.59 3.90 3.82
N TYR A 166 12.85 3.90 4.22
CA TYR A 166 13.25 3.75 5.63
C TYR A 166 14.62 4.39 5.84
N GLY A 167 14.93 4.61 7.11
CA GLY A 167 16.20 5.22 7.55
C GLY A 167 16.73 4.35 8.70
N PRO A 168 17.93 4.70 9.13
CA PRO A 168 18.62 4.01 10.23
C PRO A 168 17.64 3.83 11.40
N ASN A 169 16.69 4.74 11.46
CA ASN A 169 15.64 4.76 12.49
C ASN A 169 14.13 4.97 12.30
N TYR A 170 13.81 5.53 11.14
CA TYR A 170 12.42 5.82 10.75
C TYR A 170 12.03 5.09 9.46
N ILE A 171 10.82 4.56 9.48
CA ILE A 171 10.24 3.82 8.35
C ILE A 171 9.21 4.79 7.77
N LEU A 172 9.27 4.92 6.44
CA LEU A 172 8.37 5.79 5.67
C LEU A 172 7.14 5.05 5.12
N ILE A 173 5.99 5.64 5.41
CA ILE A 173 4.69 5.11 4.96
C ILE A 173 3.73 6.05 4.25
N LYS A 174 3.20 5.56 3.13
CA LYS A 174 2.25 6.31 2.29
C LYS A 174 0.85 5.89 2.78
N ASN A 175 0.12 6.90 3.24
CA ASN A 175 -1.26 6.73 3.75
C ASN A 175 -2.29 7.01 2.65
N SER A 176 -3.40 6.27 2.75
CA SER A 176 -4.54 6.39 1.82
C SER A 176 -5.55 7.48 2.16
N TRP A 177 -5.07 8.45 2.93
CA TRP A 177 -5.87 9.61 3.37
C TRP A 177 -5.29 10.74 2.51
N GLY A 178 -5.90 11.91 2.66
CA GLY A 178 -5.50 13.12 1.94
C GLY A 178 -4.11 13.56 2.42
N THR A 179 -3.57 14.54 1.71
CA THR A 179 -2.26 15.12 2.00
C THR A 179 -2.47 16.12 3.14
N GLY A 180 -3.61 15.97 3.79
CA GLY A 180 -4.01 16.82 4.92
C GLY A 180 -3.87 15.98 6.20
N TRP A 181 -2.94 15.03 6.12
CA TRP A 181 -2.63 14.12 7.23
C TRP A 181 -1.13 13.86 7.28
N GLY A 182 -0.65 13.65 8.51
CA GLY A 182 0.76 13.36 8.78
C GLY A 182 1.60 14.51 8.17
N GLU A 183 2.60 14.10 7.42
CA GLU A 183 3.52 15.03 6.72
C GLU A 183 3.28 15.00 5.21
N ASN A 184 2.16 15.59 4.82
CA ASN A 184 1.75 15.69 3.41
C ASN A 184 1.27 14.36 2.82
N GLY A 185 0.59 13.60 3.66
CA GLY A 185 0.01 12.29 3.29
C GLY A 185 1.03 11.21 3.65
N TYR A 186 2.17 11.67 4.15
CA TYR A 186 3.28 10.80 4.57
C TYR A 186 3.41 10.81 6.10
N ILE A 187 3.90 9.68 6.60
CA ILE A 187 4.12 9.47 8.04
C ILE A 187 5.33 8.57 8.28
N ARG A 188 6.17 9.02 9.22
CA ARG A 188 7.39 8.29 9.61
C ARG A 188 7.17 7.66 10.98
N ILE A 189 7.30 6.33 10.99
CA ILE A 189 7.14 5.52 12.21
C ILE A 189 8.61 5.17 12.49
N LYS A 190 8.84 4.77 13.74
CA LYS A 190 10.17 4.37 14.22
C LYS A 190 10.38 2.85 14.24
N ARG A 191 11.56 2.47 13.79
CA ARG A 191 11.99 1.06 13.73
C ARG A 191 13.10 0.90 14.77
N GLY A 192 13.55 -0.35 14.90
CA GLY A 192 14.62 -0.73 15.84
C GLY A 192 14.23 -0.25 17.24
N THR A 193 13.49 -1.11 17.93
CA THR A 193 13.02 -0.85 19.30
C THR A 193 12.91 -2.15 20.08
N GLY A 194 12.74 -3.23 19.33
CA GLY A 194 12.61 -4.59 19.88
C GLY A 194 11.24 -5.17 19.56
N ASN A 195 10.27 -4.25 19.50
CA ASN A 195 8.87 -4.57 19.20
C ASN A 195 8.83 -5.39 17.90
N SER A 196 8.79 -6.69 18.08
CA SER A 196 8.74 -7.66 16.97
C SER A 196 7.52 -7.39 16.07
N TYR A 197 6.37 -7.34 16.72
CA TYR A 197 5.08 -7.08 16.07
C TYR A 197 5.32 -5.81 15.24
N GLY A 198 5.99 -4.87 15.88
CA GLY A 198 6.33 -3.57 15.27
C GLY A 198 5.20 -2.67 15.76
N VAL A 199 5.60 -1.46 16.15
CA VAL A 199 4.66 -0.43 16.64
C VAL A 199 3.49 -0.34 15.66
N CYS A 200 2.30 -0.42 16.22
CA CYS A 200 1.04 -0.34 15.47
C CYS A 200 0.76 -1.60 14.64
N GLY A 201 1.60 -2.60 14.89
CA GLY A 201 1.50 -3.91 14.21
C GLY A 201 1.80 -3.81 12.71
N LEU A 202 2.81 -3.01 12.41
CA LEU A 202 3.27 -2.79 11.03
C LEU A 202 4.08 -3.94 10.43
N TYR A 203 4.32 -4.93 11.27
CA TYR A 203 5.06 -6.15 10.90
C TYR A 203 4.28 -7.46 10.82
N THR A 204 2.95 -7.31 10.95
CA THR A 204 2.01 -8.44 10.90
C THR A 204 1.99 -9.24 9.60
N SER A 205 1.51 -8.59 8.55
CA SER A 205 1.41 -9.17 7.20
C SER A 205 1.58 -8.21 6.02
N SER A 206 2.72 -8.37 5.35
CA SER A 206 3.08 -7.56 4.17
C SER A 206 3.21 -8.34 2.86
N PHE A 207 3.06 -7.59 1.77
CA PHE A 207 3.15 -8.13 0.40
C PHE A 207 3.54 -7.51 -0.95
N TYR A 208 3.63 -8.38 -1.94
CA TYR A 208 3.97 -8.02 -3.32
C TYR A 208 4.06 -8.91 -4.56
N PRO A 209 3.48 -8.42 -5.63
CA PRO A 209 3.46 -9.11 -6.93
C PRO A 209 4.87 -9.62 -7.24
N VAL A 210 5.09 -9.85 -8.53
CA VAL A 210 6.38 -10.34 -9.06
C VAL A 210 6.31 -9.76 -10.47
N LYS A 211 7.49 -9.60 -11.05
CA LYS A 211 7.67 -9.07 -12.41
C LYS A 211 8.98 -9.60 -13.01
N ASN A 212 8.88 -9.98 -14.27
CA ASN A 212 10.02 -10.50 -15.05
C ASN A 212 10.58 -9.40 -15.96
C1 PHQ B 1 -13.03 -8.16 6.83
O1 PHQ B 1 -13.34 -7.22 6.06
O2 PHQ B 1 -13.96 -9.01 7.46
C2 PHQ B 1 -14.10 -10.10 6.56
C3 PHQ B 1 -14.29 -11.39 7.35
C4 PHQ B 1 -14.84 -11.43 8.65
C5 PHQ B 1 -14.84 -12.70 9.32
C6 PHQ B 1 -14.28 -13.82 8.80
C7 PHQ B 1 -13.68 -13.76 7.47
C8 PHQ B 1 -13.66 -12.53 6.85
N GLY B 2 -11.75 -8.55 6.90
CA GLY B 2 -10.70 -7.81 6.19
C GLY B 2 -10.42 -6.38 6.72
N PHE B 3 -9.49 -5.63 6.09
CA PHE B 3 -8.84 -4.34 6.38
C PHE B 3 -9.82 -3.25 5.79
N GLY B 4 -10.28 -2.14 6.47
CA GLY B 4 -11.12 -1.16 5.87
C GLY B 4 -10.33 0.09 5.51
C1 0QE B 5 -8.95 0.48 5.78
#